data_8SO2
#
_entry.id   8SO2
#
_cell.length_a   77.909
_cell.length_b   100.580
_cell.length_c   132.530
_cell.angle_alpha   90.00
_cell.angle_beta   90.00
_cell.angle_gamma   90.00
#
_symmetry.space_group_name_H-M   'I 2 2 2'
#
loop_
_entity.id
_entity.type
_entity.pdbx_description
1 polymer 'Cytochrome P450 3A4'
2 non-polymer 'PROTOPORPHYRIN IX CONTAINING FE'
3 non-polymer CAFFEINE
4 water water
#
_entity_poly.entity_id   1
_entity_poly.type   'polypeptide(L)'
_entity_poly.pdbx_seq_one_letter_code
;MAYLYGTHSHGLFKKLGIPGPTPLPFLGNILSYHKGFCMFDMECHKKYGKVWGFYDGQQPVLAITDPDMIKTVLVKECYS
VFTNRRPFGPVGFMKSAISIAEDEEWKRLRSLLSPTFTSGKLKEMVPIIAQYGDVLVRNLRREAETGKPVTLKDVFGAYS
MDVITSTSFGVNIDSLNNPQDPFVENTKKLLRFDFLDPFFLSITVFPFLIPILEVLNICVFPREVTNFLRKSVKRMKESR
LEDTQKHRVDFLQLMIDSQNSKETESHKALSDLELVAQSIIFIFAGYETTSSVLSFIMYELATHPDVQQKLQEEIDAVLP
NKAPPTYDTVLQMEYLDMVVNETLRLFPIAMRLERVCKKDVEINGMFIPKGVVVMIPSYALHRDPKYWTEPEKFLPERFS
KKNKDNIDPYIYTPFGSGPRNCIGMRFALMNMKLALIRVLQNFSFKPCKETQIPLKLSLGGLLQPEKPVVLKVESRDGTV
SGAHHHH
;
_entity_poly.pdbx_strand_id   A
#
loop_
_chem_comp.id
_chem_comp.type
_chem_comp.name
_chem_comp.formula
CFF non-polymer CAFFEINE 'C8 H10 N4 O2'
HEM non-polymer 'PROTOPORPHYRIN IX CONTAINING FE' 'C34 H32 Fe N4 O4'
#
# COMPACT_ATOMS: atom_id res chain seq x y z
N GLY A 6 -20.79 -28.03 8.99
CA GLY A 6 -19.98 -26.84 8.83
C GLY A 6 -18.50 -27.10 8.98
N THR A 7 -18.14 -28.33 9.31
CA THR A 7 -16.74 -28.75 9.41
C THR A 7 -16.31 -29.47 8.14
N HIS A 8 -16.67 -28.89 6.99
CA HIS A 8 -16.46 -29.51 5.69
C HIS A 8 -14.98 -29.62 5.33
N SER A 9 -14.33 -28.48 5.13
CA SER A 9 -12.93 -28.44 4.71
C SER A 9 -11.97 -28.25 5.86
N HIS A 10 -12.45 -28.29 7.11
CA HIS A 10 -11.60 -28.06 8.26
C HIS A 10 -10.59 -29.18 8.52
N GLY A 11 -10.59 -30.23 7.70
CA GLY A 11 -9.66 -31.33 7.88
C GLY A 11 -8.48 -31.34 6.93
N LEU A 12 -8.25 -30.27 6.18
CA LEU A 12 -7.19 -30.27 5.18
C LEU A 12 -5.81 -30.34 5.83
N PHE A 13 -5.49 -29.36 6.66
CA PHE A 13 -4.15 -29.26 7.23
C PHE A 13 -3.78 -30.46 8.10
N LYS A 14 -4.76 -31.22 8.61
CA LYS A 14 -4.45 -32.45 9.32
C LYS A 14 -4.02 -33.57 8.38
N LYS A 15 -4.74 -33.73 7.26
CA LYS A 15 -4.39 -34.77 6.30
C LYS A 15 -3.00 -34.56 5.74
N LEU A 16 -2.59 -33.29 5.58
CA LEU A 16 -1.24 -32.95 5.12
C LEU A 16 -0.21 -32.91 6.24
N GLY A 17 -0.64 -33.06 7.50
CA GLY A 17 0.30 -33.00 8.60
C GLY A 17 0.84 -31.61 8.90
N ILE A 18 0.08 -30.58 8.59
CA ILE A 18 0.51 -29.19 8.75
C ILE A 18 -0.12 -28.62 10.02
N PRO A 19 0.64 -27.99 10.90
CA PRO A 19 0.10 -27.50 12.17
C PRO A 19 -0.67 -26.20 12.00
N GLY A 20 -1.34 -25.80 13.07
CA GLY A 20 -2.08 -24.55 13.11
C GLY A 20 -3.13 -24.53 14.20
N PRO A 21 -3.78 -23.38 14.39
CA PRO A 21 -4.84 -23.30 15.40
C PRO A 21 -6.07 -24.08 14.97
N THR A 22 -6.66 -24.79 15.91
CA THR A 22 -7.81 -25.63 15.59
C THR A 22 -9.03 -24.76 15.27
N PRO A 23 -9.69 -24.97 14.13
CA PRO A 23 -10.81 -24.09 13.76
C PRO A 23 -12.12 -24.53 14.41
N LEU A 24 -13.01 -23.54 14.57
CA LEU A 24 -14.38 -23.75 15.01
C LEU A 24 -15.29 -23.97 13.81
N PRO A 25 -16.39 -24.70 14.00
CA PRO A 25 -17.36 -24.86 12.90
C PRO A 25 -17.85 -23.52 12.38
N PHE A 26 -18.03 -23.43 11.07
CA PHE A 26 -18.51 -22.25 10.36
C PHE A 26 -17.51 -21.09 10.42
N LEU A 27 -17.08 -20.72 11.63
CA LEU A 27 -16.27 -19.51 11.80
C LEU A 27 -14.83 -19.71 11.31
N GLY A 28 -14.31 -20.92 11.39
CA GLY A 28 -12.89 -21.09 11.12
C GLY A 28 -12.08 -20.57 12.28
N ASN A 29 -11.10 -19.71 11.98
CA ASN A 29 -10.23 -19.15 13.01
C ASN A 29 -10.39 -17.64 13.16
N ILE A 30 -11.49 -17.08 12.64
CA ILE A 30 -11.60 -15.62 12.58
C ILE A 30 -11.72 -14.99 13.97
N LEU A 31 -12.14 -15.75 14.98
CA LEU A 31 -12.21 -15.19 16.33
C LEU A 31 -10.81 -14.84 16.85
N SER A 32 -9.77 -15.40 16.27
CA SER A 32 -8.40 -15.07 16.65
C SER A 32 -7.95 -13.73 16.09
N TYR A 33 -8.74 -13.11 15.21
CA TYR A 33 -8.44 -11.79 14.67
C TYR A 33 -8.78 -10.66 15.65
N HIS A 34 -9.05 -10.97 16.91
CA HIS A 34 -9.46 -9.95 17.87
C HIS A 34 -8.34 -8.99 18.22
N LYS A 35 -7.11 -9.23 17.74
CA LYS A 35 -6.01 -8.28 17.85
C LYS A 35 -5.43 -7.93 16.49
N GLY A 36 -6.17 -8.19 15.41
CA GLY A 36 -5.72 -7.85 14.08
C GLY A 36 -4.92 -8.94 13.41
N PHE A 37 -4.56 -8.69 12.16
CA PHE A 37 -3.83 -9.67 11.37
C PHE A 37 -2.40 -9.84 11.87
N CYS A 38 -1.73 -8.73 12.16
CA CYS A 38 -0.31 -8.77 12.51
C CYS A 38 -0.07 -9.61 13.76
N MET A 39 -0.78 -9.29 14.84
CA MET A 39 -0.59 -10.03 16.08
C MET A 39 -0.94 -11.50 15.94
N PHE A 40 -1.94 -11.82 15.09
CA PHE A 40 -2.26 -13.23 14.86
C PHE A 40 -1.15 -13.95 14.10
N ASP A 41 -0.54 -13.27 13.13
CA ASP A 41 0.56 -13.88 12.39
C ASP A 41 1.80 -14.04 13.27
N MET A 42 2.12 -13.03 14.09
CA MET A 42 3.25 -13.15 15.02
CA MET A 42 3.26 -13.16 15.00
C MET A 42 3.03 -14.28 16.00
N GLU A 43 1.82 -14.39 16.55
CA GLU A 43 1.53 -15.44 17.51
C GLU A 43 1.66 -16.82 16.87
N CYS A 44 1.08 -16.99 15.67
CA CYS A 44 1.18 -18.27 14.98
C CYS A 44 2.62 -18.61 14.63
N HIS A 45 3.43 -17.60 14.30
CA HIS A 45 4.81 -17.85 13.90
C HIS A 45 5.63 -18.43 15.06
N LYS A 46 5.61 -17.75 16.21
CA LYS A 46 6.37 -18.23 17.36
C LYS A 46 5.78 -19.53 17.92
N LYS A 47 4.56 -19.87 17.56
CA LYS A 47 3.87 -21.02 18.12
C LYS A 47 3.98 -22.27 17.26
N TYR A 48 4.02 -22.13 15.93
CA TYR A 48 3.96 -23.29 15.05
C TYR A 48 5.16 -23.43 14.13
N GLY A 49 6.02 -22.43 14.01
CA GLY A 49 7.25 -22.60 13.25
C GLY A 49 7.23 -22.02 11.86
N LYS A 50 7.90 -22.70 10.92
CA LYS A 50 8.12 -22.11 9.60
C LYS A 50 6.86 -22.10 8.75
N VAL A 51 5.95 -23.06 8.97
CA VAL A 51 4.73 -23.19 8.17
CA VAL A 51 4.72 -23.17 8.17
C VAL A 51 3.57 -23.52 9.10
N TRP A 52 2.41 -22.92 8.85
CA TRP A 52 1.21 -23.22 9.60
C TRP A 52 0.00 -22.93 8.73
N GLY A 53 -1.17 -23.37 9.19
CA GLY A 53 -2.38 -23.20 8.43
C GLY A 53 -3.54 -22.78 9.32
N PHE A 54 -4.46 -22.02 8.73
CA PHE A 54 -5.67 -21.59 9.42
C PHE A 54 -6.78 -21.41 8.39
N TYR A 55 -7.98 -21.11 8.88
CA TYR A 55 -9.18 -21.07 8.04
C TYR A 55 -9.90 -19.75 8.23
N ASP A 56 -10.06 -19.01 7.14
CA ASP A 56 -10.93 -17.83 7.10
C ASP A 56 -12.32 -18.31 6.70
N GLY A 57 -13.12 -18.68 7.69
CA GLY A 57 -14.35 -19.39 7.43
C GLY A 57 -14.05 -20.81 6.98
N GLN A 58 -14.44 -21.15 5.76
CA GLN A 58 -14.09 -22.43 5.15
C GLN A 58 -12.82 -22.35 4.31
N GLN A 59 -12.31 -21.15 4.05
CA GLN A 59 -11.16 -20.97 3.17
C GLN A 59 -9.87 -21.30 3.89
N PRO A 60 -9.09 -22.29 3.43
CA PRO A 60 -7.81 -22.59 4.06
C PRO A 60 -6.71 -21.65 3.59
N VAL A 61 -5.88 -21.21 4.54
CA VAL A 61 -4.77 -20.32 4.27
C VAL A 61 -3.49 -20.96 4.80
N LEU A 62 -2.47 -21.06 3.95
CA LEU A 62 -1.18 -21.65 4.32
C LEU A 62 -0.14 -20.54 4.40
N ALA A 63 0.41 -20.34 5.59
CA ALA A 63 1.43 -19.32 5.80
C ALA A 63 2.81 -19.92 5.60
N ILE A 64 3.66 -19.22 4.85
CA ILE A 64 5.02 -19.68 4.58
C ILE A 64 6.01 -18.60 4.98
N THR A 65 7.13 -19.03 5.54
CA THR A 65 8.17 -18.10 6.00
C THR A 65 9.54 -18.41 5.42
N ASP A 66 9.69 -19.49 4.66
CA ASP A 66 10.98 -19.84 4.09
C ASP A 66 11.28 -18.95 2.90
N PRO A 67 12.37 -18.17 2.92
CA PRO A 67 12.67 -17.27 1.79
C PRO A 67 12.89 -18.00 0.47
N ASP A 68 13.34 -19.25 0.50
CA ASP A 68 13.41 -20.02 -0.73
C ASP A 68 12.01 -20.40 -1.22
N MET A 69 11.12 -20.77 -0.29
CA MET A 69 9.77 -21.12 -0.66
C MET A 69 8.99 -19.91 -1.14
N ILE A 70 9.20 -18.76 -0.49
CA ILE A 70 8.52 -17.53 -0.88
C ILE A 70 8.90 -17.13 -2.30
N LYS A 71 10.17 -17.27 -2.65
CA LYS A 71 10.63 -16.95 -4.00
C LYS A 71 9.95 -17.83 -5.03
N THR A 72 9.73 -19.11 -4.71
CA THR A 72 9.04 -20.00 -5.63
C THR A 72 7.60 -19.56 -5.86
N VAL A 73 6.92 -19.13 -4.79
CA VAL A 73 5.54 -18.70 -4.91
C VAL A 73 5.47 -17.35 -5.62
N LEU A 74 6.29 -16.40 -5.19
CA LEU A 74 6.18 -15.03 -5.69
C LEU A 74 6.86 -14.82 -7.02
N VAL A 75 7.83 -15.65 -7.39
CA VAL A 75 8.62 -15.39 -8.60
C VAL A 75 8.59 -16.58 -9.56
N LYS A 76 9.02 -17.74 -9.09
CA LYS A 76 9.34 -18.83 -10.01
C LYS A 76 8.09 -19.47 -10.59
N GLU A 77 7.07 -19.71 -9.78
CA GLU A 77 5.82 -20.32 -10.23
C GLU A 77 4.67 -19.33 -10.19
N CYS A 78 4.93 -18.08 -10.53
CA CYS A 78 3.89 -17.06 -10.50
C CYS A 78 2.89 -17.27 -11.64
N TYR A 79 3.38 -17.45 -12.87
CA TYR A 79 2.49 -17.62 -14.01
C TYR A 79 1.79 -18.97 -13.98
N SER A 80 2.47 -20.01 -13.50
CA SER A 80 1.94 -21.36 -13.61
C SER A 80 0.91 -21.67 -12.53
N VAL A 81 1.16 -21.24 -11.29
CA VAL A 81 0.39 -21.72 -10.15
C VAL A 81 -0.15 -20.58 -9.30
N PHE A 82 0.72 -19.64 -8.93
CA PHE A 82 0.38 -18.62 -7.94
C PHE A 82 0.25 -17.26 -8.62
N THR A 83 -0.76 -17.15 -9.47
CA THR A 83 -0.94 -15.96 -10.32
C THR A 83 -1.84 -14.92 -9.69
N ASN A 84 -2.90 -15.33 -9.00
CA ASN A 84 -3.96 -14.43 -8.59
C ASN A 84 -4.00 -14.30 -7.07
N ARG A 85 -4.65 -13.24 -6.61
CA ARG A 85 -4.83 -12.99 -5.19
C ARG A 85 -6.14 -13.61 -4.73
N ARG A 86 -6.39 -13.54 -3.42
CA ARG A 86 -7.56 -14.17 -2.85
C ARG A 86 -8.83 -13.50 -3.40
N PRO A 87 -9.81 -14.28 -3.84
CA PRO A 87 -11.06 -13.67 -4.32
C PRO A 87 -11.79 -12.98 -3.19
N PHE A 88 -12.39 -11.83 -3.50
CA PHE A 88 -13.24 -11.12 -2.57
C PHE A 88 -14.25 -10.33 -3.39
N GLY A 89 -15.35 -9.96 -2.75
CA GLY A 89 -16.40 -9.24 -3.43
C GLY A 89 -17.47 -8.74 -2.50
N PRO A 90 -18.54 -8.18 -3.07
CA PRO A 90 -18.80 -8.02 -4.51
C PRO A 90 -18.04 -6.84 -5.10
N VAL A 91 -17.46 -7.00 -6.30
CA VAL A 91 -16.59 -6.00 -6.88
C VAL A 91 -17.17 -5.33 -8.11
N GLY A 92 -18.21 -5.89 -8.73
CA GLY A 92 -18.80 -5.23 -9.88
C GLY A 92 -17.83 -5.13 -11.03
N PHE A 93 -17.87 -3.99 -11.73
CA PHE A 93 -16.99 -3.77 -12.88
C PHE A 93 -15.53 -3.65 -12.46
N MET A 94 -15.26 -3.44 -11.17
CA MET A 94 -13.89 -3.27 -10.70
C MET A 94 -13.14 -4.59 -10.78
N LYS A 95 -13.84 -5.63 -11.23
CA LYS A 95 -13.18 -6.87 -11.65
C LYS A 95 -12.10 -6.59 -12.68
N SER A 96 -12.23 -5.50 -13.45
CA SER A 96 -11.29 -5.13 -14.49
C SER A 96 -10.07 -4.36 -13.97
N ALA A 97 -10.02 -4.04 -12.68
CA ALA A 97 -8.82 -3.44 -12.13
C ALA A 97 -7.69 -4.45 -12.08
N ILE A 98 -6.48 -4.00 -12.40
CA ILE A 98 -5.35 -4.92 -12.55
C ILE A 98 -5.08 -5.68 -11.26
N SER A 99 -5.35 -5.05 -10.12
CA SER A 99 -5.12 -5.69 -8.82
C SER A 99 -6.12 -6.79 -8.53
N ILE A 100 -7.27 -6.77 -9.19
CA ILE A 100 -8.31 -7.76 -8.99
C ILE A 100 -8.37 -8.77 -10.14
N ALA A 101 -7.94 -8.40 -11.34
CA ALA A 101 -8.05 -9.30 -12.49
C ALA A 101 -7.20 -10.55 -12.28
N GLU A 102 -7.58 -11.61 -13.01
CA GLU A 102 -6.97 -12.92 -12.85
C GLU A 102 -6.46 -13.47 -14.17
N ASP A 103 -5.46 -14.35 -14.08
CA ASP A 103 -5.03 -15.22 -15.19
C ASP A 103 -4.65 -14.36 -16.40
N GLU A 104 -5.18 -14.64 -17.60
CA GLU A 104 -4.73 -13.92 -18.78
C GLU A 104 -5.18 -12.46 -18.77
N GLU A 105 -6.32 -12.16 -18.15
CA GLU A 105 -6.77 -10.78 -18.06
C GLU A 105 -5.75 -9.91 -17.34
N TRP A 106 -5.19 -10.42 -16.23
CA TRP A 106 -4.18 -9.67 -15.51
C TRP A 106 -2.91 -9.53 -16.34
N LYS A 107 -2.43 -10.63 -16.93
CA LYS A 107 -1.18 -10.60 -17.69
C LYS A 107 -1.25 -9.58 -18.81
N ARG A 108 -2.42 -9.43 -19.44
CA ARG A 108 -2.60 -8.41 -20.47
C ARG A 108 -2.61 -7.01 -19.84
N LEU A 109 -3.35 -6.83 -18.75
CA LEU A 109 -3.44 -5.51 -18.13
C LEU A 109 -2.09 -5.06 -17.58
N ARG A 110 -1.35 -5.97 -16.95
CA ARG A 110 -0.01 -5.63 -16.50
C ARG A 110 0.88 -5.24 -17.67
N SER A 111 0.69 -5.89 -18.82
CA SER A 111 1.46 -5.55 -20.01
C SER A 111 1.08 -4.19 -20.56
N LEU A 112 -0.19 -3.80 -20.44
CA LEU A 112 -0.64 -2.51 -20.95
C LEU A 112 -0.20 -1.36 -20.05
N LEU A 113 -0.15 -1.59 -18.74
CA LEU A 113 0.11 -0.53 -17.78
C LEU A 113 1.59 -0.35 -17.44
N SER A 114 2.45 -1.28 -17.87
CA SER A 114 3.87 -1.18 -17.50
C SER A 114 4.56 0.07 -18.03
N PRO A 115 4.38 0.49 -19.29
CA PRO A 115 5.06 1.72 -19.74
C PRO A 115 4.61 2.96 -18.99
N THR A 116 3.43 2.93 -18.38
CA THR A 116 2.95 4.07 -17.61
C THR A 116 3.77 4.31 -16.35
N PHE A 117 4.46 3.30 -15.84
CA PHE A 117 5.18 3.38 -14.57
C PHE A 117 6.69 3.29 -14.75
N THR A 118 7.20 3.66 -15.92
CA THR A 118 8.65 3.70 -16.11
C THR A 118 9.24 4.90 -15.39
N SER A 119 10.57 4.86 -15.20
CA SER A 119 11.26 5.99 -14.58
C SER A 119 11.22 7.23 -15.46
N GLY A 120 10.96 7.07 -16.76
CA GLY A 120 10.86 8.24 -17.63
C GLY A 120 9.56 9.00 -17.41
N LYS A 121 8.44 8.27 -17.33
CA LYS A 121 7.17 8.92 -17.04
C LYS A 121 7.15 9.48 -15.62
N LEU A 122 7.86 8.84 -14.69
CA LEU A 122 7.97 9.37 -13.34
C LEU A 122 8.78 10.65 -13.32
N LYS A 123 9.87 10.69 -14.09
CA LYS A 123 10.67 11.92 -14.19
C LYS A 123 9.83 13.09 -14.68
N GLU A 124 8.90 12.83 -15.61
CA GLU A 124 8.04 13.89 -16.12
C GLU A 124 6.91 14.24 -15.15
N MET A 125 6.70 13.44 -14.10
CA MET A 125 5.69 13.76 -13.09
C MET A 125 6.28 14.48 -11.88
N VAL A 126 7.61 14.44 -11.71
CA VAL A 126 8.22 15.03 -10.51
C VAL A 126 7.91 16.52 -10.36
N PRO A 127 8.02 17.35 -11.40
CA PRO A 127 7.65 18.77 -11.21
C PRO A 127 6.23 18.97 -10.68
N ILE A 128 5.28 18.16 -11.13
CA ILE A 128 3.91 18.28 -10.63
C ILE A 128 3.85 17.93 -9.15
N ILE A 129 4.45 16.80 -8.77
CA ILE A 129 4.45 16.37 -7.38
C ILE A 129 5.10 17.42 -6.49
N ALA A 130 6.23 17.98 -6.92
CA ALA A 130 6.94 18.95 -6.11
C ALA A 130 6.12 20.20 -5.87
N GLN A 131 5.27 20.57 -6.83
CA GLN A 131 4.43 21.75 -6.67
C GLN A 131 3.62 21.68 -5.40
N TYR A 132 3.06 20.52 -5.09
CA TYR A 132 2.25 20.35 -3.89
C TYR A 132 3.08 20.01 -2.67
N GLY A 133 4.38 19.72 -2.84
CA GLY A 133 5.28 19.80 -1.72
C GLY A 133 5.44 21.22 -1.22
N ASP A 134 5.48 22.18 -2.14
CA ASP A 134 5.46 23.59 -1.75
C ASP A 134 4.12 23.95 -1.10
N VAL A 135 3.02 23.43 -1.65
CA VAL A 135 1.70 23.68 -1.04
C VAL A 135 1.65 23.06 0.35
N LEU A 136 2.27 21.89 0.52
CA LEU A 136 2.31 21.27 1.84
C LEU A 136 3.05 22.15 2.85
N VAL A 137 4.10 22.84 2.40
CA VAL A 137 4.88 23.67 3.31
C VAL A 137 4.09 24.90 3.73
N ARG A 138 3.37 25.52 2.79
CA ARG A 138 2.58 26.71 3.12
C ARG A 138 1.45 26.38 4.10
N ASN A 139 0.86 25.20 3.98
CA ASN A 139 -0.18 24.81 4.92
C ASN A 139 0.40 24.38 6.26
N LEU A 140 1.54 23.70 6.24
CA LEU A 140 2.23 23.34 7.48
C LEU A 140 2.66 24.58 8.24
N ARG A 141 3.13 25.61 7.53
CA ARG A 141 3.58 26.83 8.20
C ARG A 141 2.42 27.58 8.85
N ARG A 142 1.24 27.54 8.24
CA ARG A 142 0.08 28.17 8.86
C ARG A 142 -0.27 27.51 10.18
N GLU A 143 -0.01 26.21 10.31
CA GLU A 143 -0.23 25.50 11.55
C GLU A 143 0.98 25.52 12.47
N ALA A 144 2.09 26.10 12.03
CA ALA A 144 3.30 26.20 12.84
C ALA A 144 3.51 27.59 13.43
N GLU A 145 3.20 28.65 12.67
CA GLU A 145 3.22 30.00 13.23
C GLU A 145 2.16 30.15 14.30
N THR A 146 1.09 29.38 14.24
CA THR A 146 0.12 29.26 15.31
C THR A 146 0.67 28.04 16.03
N GLY A 147 1.06 28.22 17.29
CA GLY A 147 1.46 27.12 18.13
C GLY A 147 0.26 26.26 18.47
N LYS A 148 0.14 25.12 17.78
CA LYS A 148 -0.96 24.18 17.99
C LYS A 148 -0.52 22.80 17.55
N PRO A 149 -0.85 21.75 18.32
CA PRO A 149 -0.50 20.39 17.89
C PRO A 149 -1.11 20.05 16.54
N VAL A 150 -0.41 19.23 15.79
CA VAL A 150 -0.70 18.99 14.37
C VAL A 150 -0.99 17.50 14.17
N THR A 151 -2.18 17.20 13.65
CA THR A 151 -2.52 15.84 13.26
C THR A 151 -1.88 15.54 11.91
N LEU A 152 -0.96 14.56 11.91
CA LEU A 152 -0.16 14.31 10.71
C LEU A 152 -1.02 13.85 9.54
N LYS A 153 -1.87 12.85 9.75
CA LYS A 153 -2.62 12.26 8.65
C LYS A 153 -3.54 13.26 7.97
N ASP A 154 -3.93 14.34 8.66
CA ASP A 154 -4.70 15.40 8.01
C ASP A 154 -3.83 16.16 7.01
N VAL A 155 -2.64 16.58 7.43
CA VAL A 155 -1.80 17.37 6.54
C VAL A 155 -1.14 16.48 5.49
N PHE A 156 -0.89 15.21 5.82
CA PHE A 156 -0.37 14.28 4.82
C PHE A 156 -1.48 13.69 3.95
N GLY A 157 -2.70 13.58 4.49
CA GLY A 157 -3.82 13.20 3.65
C GLY A 157 -4.12 14.23 2.58
N ALA A 158 -4.13 15.50 2.95
CA ALA A 158 -4.33 16.57 1.97
C ALA A 158 -3.20 16.62 0.95
N TYR A 159 -1.97 16.29 1.36
CA TYR A 159 -0.87 16.25 0.40
C TYR A 159 -1.04 15.09 -0.58
N SER A 160 -1.32 13.90 -0.05
CA SER A 160 -1.52 12.72 -0.90
C SER A 160 -2.70 12.94 -1.85
N MET A 161 -3.74 13.63 -1.37
CA MET A 161 -4.89 13.96 -2.22
C MET A 161 -4.48 14.89 -3.36
N ASP A 162 -3.69 15.93 -3.04
CA ASP A 162 -3.24 16.87 -4.06
C ASP A 162 -2.37 16.19 -5.10
N VAL A 163 -1.51 15.27 -4.67
CA VAL A 163 -0.66 14.56 -5.61
C VAL A 163 -1.51 13.65 -6.50
N ILE A 164 -2.53 13.02 -5.94
CA ILE A 164 -3.34 12.09 -6.70
C ILE A 164 -4.16 12.82 -7.77
N THR A 165 -4.87 13.87 -7.37
CA THR A 165 -5.73 14.57 -8.32
C THR A 165 -4.95 15.13 -9.50
N SER A 166 -3.74 15.62 -9.25
CA SER A 166 -2.95 16.25 -10.31
C SER A 166 -2.15 15.26 -11.14
N THR A 167 -1.64 14.19 -10.53
CA THR A 167 -0.84 13.23 -11.28
C THR A 167 -1.67 12.13 -11.94
N SER A 168 -2.95 12.01 -11.60
CA SER A 168 -3.80 11.03 -12.26
C SER A 168 -4.88 11.66 -13.14
N PHE A 169 -5.20 12.93 -12.95
CA PHE A 169 -6.22 13.58 -13.75
C PHE A 169 -5.87 15.00 -14.19
N GLY A 170 -4.73 15.53 -13.81
CA GLY A 170 -4.42 16.92 -14.10
C GLY A 170 -5.25 17.92 -13.35
N VAL A 171 -6.06 17.47 -12.38
CA VAL A 171 -6.87 18.37 -11.58
C VAL A 171 -6.03 18.93 -10.44
N ASN A 172 -5.89 20.25 -10.41
CA ASN A 172 -4.94 20.92 -9.53
C ASN A 172 -5.71 21.69 -8.46
N ILE A 173 -5.72 21.16 -7.24
CA ILE A 173 -6.48 21.74 -6.14
C ILE A 173 -5.63 21.73 -4.86
N ASP A 174 -5.75 22.79 -4.07
CA ASP A 174 -5.28 22.80 -2.68
C ASP A 174 -6.41 22.23 -1.83
N SER A 175 -6.43 20.89 -1.72
CA SER A 175 -7.58 20.21 -1.15
C SER A 175 -7.78 20.52 0.32
N LEU A 176 -6.70 20.85 1.04
CA LEU A 176 -6.85 21.21 2.45
C LEU A 176 -7.74 22.43 2.62
N ASN A 177 -7.68 23.37 1.68
CA ASN A 177 -8.46 24.60 1.73
C ASN A 177 -9.60 24.61 0.72
N ASN A 178 -9.86 23.49 0.06
CA ASN A 178 -11.02 23.35 -0.82
C ASN A 178 -11.76 22.04 -0.48
N PRO A 179 -12.21 21.88 0.77
CA PRO A 179 -12.72 20.58 1.20
C PRO A 179 -14.01 20.17 0.52
N GLN A 180 -14.63 21.06 -0.27
CA GLN A 180 -15.89 20.73 -0.91
C GLN A 180 -15.84 21.01 -2.41
N ASP A 181 -14.65 20.97 -2.99
CA ASP A 181 -14.57 20.75 -4.43
C ASP A 181 -15.12 19.37 -4.74
N PRO A 182 -15.97 19.22 -5.77
CA PRO A 182 -16.56 17.91 -6.05
C PRO A 182 -15.54 16.79 -6.20
N PHE A 183 -14.37 17.11 -6.76
CA PHE A 183 -13.34 16.10 -6.95
C PHE A 183 -12.68 15.70 -5.65
N VAL A 184 -12.66 16.59 -4.66
CA VAL A 184 -11.97 16.28 -3.41
C VAL A 184 -12.84 15.45 -2.48
N GLU A 185 -14.12 15.80 -2.35
CA GLU A 185 -14.99 15.06 -1.44
C GLU A 185 -15.29 13.65 -1.96
N ASN A 186 -15.34 13.48 -3.28
CA ASN A 186 -15.54 12.14 -3.83
C ASN A 186 -14.31 11.27 -3.61
N THR A 187 -13.14 11.77 -4.02
CA THR A 187 -11.91 11.00 -3.86
C THR A 187 -11.64 10.66 -2.39
N LYS A 188 -12.00 11.56 -1.47
CA LYS A 188 -11.81 11.28 -0.05
C LYS A 188 -12.64 10.11 0.43
N LYS A 189 -13.72 9.76 -0.28
CA LYS A 189 -14.56 8.64 0.12
C LYS A 189 -13.96 7.28 -0.21
N LEU A 190 -12.93 7.22 -1.04
CA LEU A 190 -12.28 5.96 -1.40
C LEU A 190 -11.40 5.48 -0.24
N LEU A 191 -12.08 4.99 0.80
CA LEU A 191 -11.41 4.51 2.00
C LEU A 191 -11.03 3.04 1.86
N ARG A 192 -9.84 2.70 2.36
CA ARG A 192 -9.35 1.33 2.31
C ARG A 192 -10.28 0.38 3.06
N PHE A 193 -10.24 -0.89 2.66
CA PHE A 193 -11.15 -1.90 3.17
C PHE A 193 -10.62 -2.50 4.47
N ASP A 194 -11.46 -2.48 5.50
CA ASP A 194 -11.17 -3.12 6.78
C ASP A 194 -11.79 -4.50 6.77
N PHE A 195 -10.99 -5.51 6.40
CA PHE A 195 -11.52 -6.87 6.29
C PHE A 195 -11.91 -7.49 7.63
N LEU A 196 -11.78 -6.76 8.73
CA LEU A 196 -12.20 -7.24 10.04
C LEU A 196 -13.44 -6.53 10.55
N ASP A 197 -14.05 -5.64 9.77
CA ASP A 197 -15.29 -5.03 10.19
C ASP A 197 -16.45 -5.98 9.95
N PRO A 198 -17.59 -5.78 10.62
CA PRO A 198 -18.69 -6.77 10.54
C PRO A 198 -19.07 -7.18 9.13
N PHE A 199 -19.08 -6.26 8.17
CA PHE A 199 -19.54 -6.59 6.83
C PHE A 199 -18.61 -7.60 6.16
N PHE A 200 -17.30 -7.34 6.18
CA PHE A 200 -16.37 -8.23 5.52
C PHE A 200 -16.21 -9.55 6.29
N LEU A 201 -16.28 -9.51 7.62
CA LEU A 201 -16.28 -10.74 8.39
C LEU A 201 -17.51 -11.58 8.08
N SER A 202 -18.66 -10.92 7.89
CA SER A 202 -19.87 -11.64 7.50
C SER A 202 -19.70 -12.30 6.14
N ILE A 203 -19.15 -11.56 5.17
CA ILE A 203 -18.90 -12.11 3.84
C ILE A 203 -17.92 -13.27 3.91
N THR A 204 -16.94 -13.18 4.81
CA THR A 204 -16.01 -14.28 5.01
C THR A 204 -16.72 -15.52 5.53
N VAL A 205 -17.68 -15.34 6.43
CA VAL A 205 -18.44 -16.47 6.96
C VAL A 205 -19.51 -16.93 5.98
N PHE A 206 -20.07 -16.03 5.16
CA PHE A 206 -21.07 -16.38 4.16
C PHE A 206 -20.58 -16.02 2.76
N PRO A 207 -19.48 -16.63 2.28
CA PRO A 207 -19.02 -16.30 0.92
C PRO A 207 -20.02 -16.65 -0.17
N PHE A 208 -20.93 -17.57 0.10
CA PHE A 208 -21.97 -17.94 -0.87
C PHE A 208 -22.96 -16.81 -1.12
N LEU A 209 -22.94 -15.75 -0.33
CA LEU A 209 -23.83 -14.61 -0.53
C LEU A 209 -23.27 -13.60 -1.52
N ILE A 210 -21.98 -13.71 -1.87
CA ILE A 210 -21.39 -12.76 -2.83
C ILE A 210 -22.11 -12.76 -4.17
N PRO A 211 -22.47 -13.91 -4.77
CA PRO A 211 -23.23 -13.85 -6.03
C PRO A 211 -24.57 -13.15 -5.90
N ILE A 212 -25.20 -13.23 -4.73
CA ILE A 212 -26.47 -12.54 -4.51
C ILE A 212 -26.27 -11.02 -4.50
N LEU A 213 -25.14 -10.57 -3.97
CA LEU A 213 -24.88 -9.13 -3.97
C LEU A 213 -24.51 -8.62 -5.36
N GLU A 214 -23.83 -9.44 -6.17
CA GLU A 214 -23.45 -8.99 -7.50
C GLU A 214 -24.66 -8.82 -8.41
N VAL A 215 -25.67 -9.69 -8.25
CA VAL A 215 -26.86 -9.57 -9.09
C VAL A 215 -27.70 -8.36 -8.70
N LEU A 216 -27.56 -7.86 -7.48
CA LEU A 216 -28.22 -6.65 -7.03
C LEU A 216 -27.36 -5.40 -7.22
N ASN A 217 -26.23 -5.52 -7.93
CA ASN A 217 -25.31 -4.41 -8.20
CA ASN A 217 -25.36 -4.38 -8.20
C ASN A 217 -24.85 -3.73 -6.91
N ILE A 218 -24.73 -4.52 -5.85
CA ILE A 218 -24.14 -4.05 -4.61
C ILE A 218 -22.64 -4.22 -4.72
N CYS A 219 -21.88 -3.19 -4.36
CA CYS A 219 -20.46 -3.14 -4.66
C CYS A 219 -19.69 -2.57 -3.48
N VAL A 220 -18.51 -3.15 -3.20
CA VAL A 220 -17.66 -2.66 -2.13
C VAL A 220 -17.01 -1.34 -2.49
N PHE A 221 -16.88 -1.04 -3.78
CA PHE A 221 -16.51 0.29 -4.24
C PHE A 221 -17.80 1.09 -4.40
N PRO A 222 -18.03 2.13 -3.59
CA PRO A 222 -19.35 2.77 -3.57
C PRO A 222 -19.74 3.37 -4.91
N ARG A 223 -21.01 3.14 -5.28
CA ARG A 223 -21.48 3.53 -6.62
C ARG A 223 -21.37 5.04 -6.84
N GLU A 224 -21.69 5.83 -5.82
CA GLU A 224 -21.72 7.28 -6.00
C GLU A 224 -20.36 7.82 -6.44
N VAL A 225 -19.29 7.28 -5.86
CA VAL A 225 -17.95 7.74 -6.23
C VAL A 225 -17.54 7.19 -7.60
N THR A 226 -17.87 5.92 -7.87
CA THR A 226 -17.48 5.35 -9.16
C THR A 226 -18.25 6.00 -10.31
N ASN A 227 -19.53 6.31 -10.10
CA ASN A 227 -20.31 7.01 -11.13
C ASN A 227 -19.74 8.40 -11.39
N PHE A 228 -19.30 9.09 -10.33
CA PHE A 228 -18.77 10.43 -10.51
C PHE A 228 -17.48 10.43 -11.30
N LEU A 229 -16.64 9.41 -11.12
CA LEU A 229 -15.36 9.35 -11.83
C LEU A 229 -15.52 8.84 -13.25
N ARG A 230 -16.46 7.91 -13.49
CA ARG A 230 -16.71 7.44 -14.84
C ARG A 230 -17.13 8.59 -15.75
N LYS A 231 -18.04 9.45 -15.27
CA LYS A 231 -18.46 10.61 -16.06
C LYS A 231 -17.38 11.69 -16.10
N SER A 232 -16.61 11.86 -15.03
CA SER A 232 -15.54 12.85 -15.06
C SER A 232 -14.47 12.45 -16.06
N VAL A 233 -14.14 11.16 -16.14
CA VAL A 233 -13.20 10.70 -17.15
C VAL A 233 -13.77 10.91 -18.54
N LYS A 234 -15.06 10.63 -18.71
CA LYS A 234 -15.72 10.89 -19.99
C LYS A 234 -15.55 12.34 -20.42
N ARG A 235 -15.86 13.28 -19.53
CA ARG A 235 -15.75 14.70 -19.89
C ARG A 235 -14.31 15.10 -20.17
N MET A 236 -13.36 14.53 -19.44
CA MET A 236 -11.96 14.86 -19.67
C MET A 236 -11.46 14.24 -20.98
N LYS A 237 -11.89 13.02 -21.28
CA LYS A 237 -11.47 12.38 -22.53
C LYS A 237 -11.95 13.16 -23.74
N GLU A 238 -13.12 13.79 -23.64
CA GLU A 238 -13.62 14.61 -24.75
C GLU A 238 -12.91 15.95 -24.81
N SER A 239 -12.82 16.65 -23.67
CA SER A 239 -12.25 17.98 -23.67
C SER A 239 -10.76 17.95 -24.03
N ARG A 240 -10.06 16.89 -23.64
CA ARG A 240 -8.65 16.78 -24.00
C ARG A 240 -8.47 16.61 -25.50
N LEU A 241 -9.47 16.05 -26.19
CA LEU A 241 -9.38 15.93 -27.64
C LEU A 241 -9.51 17.29 -28.33
N GLU A 242 -10.30 18.20 -27.76
CA GLU A 242 -10.43 19.54 -28.29
C GLU A 242 -9.28 20.53 -28.19
N ASP A 243 -8.99 20.97 -26.97
CA ASP A 243 -7.74 21.62 -26.61
C ASP A 243 -6.61 20.61 -26.54
N THR A 244 -6.01 20.29 -27.69
CA THR A 244 -5.00 19.25 -27.79
C THR A 244 -3.59 19.80 -27.92
N GLN A 245 -3.37 21.04 -27.45
CA GLN A 245 -2.04 21.64 -27.38
C GLN A 245 -1.44 21.66 -25.98
N LYS A 246 -2.27 21.77 -24.95
CA LYS A 246 -1.81 21.68 -23.57
C LYS A 246 -1.42 20.24 -23.23
N HIS A 247 -0.14 19.92 -23.41
CA HIS A 247 0.33 18.57 -23.14
C HIS A 247 0.16 18.23 -21.67
N ARG A 248 -0.25 16.99 -21.41
CA ARG A 248 -0.52 16.50 -20.06
C ARG A 248 0.41 15.34 -19.73
N VAL A 249 0.66 15.15 -18.43
CA VAL A 249 1.57 14.10 -17.99
C VAL A 249 0.97 13.33 -16.81
N ASP A 250 -0.34 13.10 -16.83
CA ASP A 250 -1.00 12.34 -15.79
C ASP A 250 -1.25 10.90 -16.24
N PHE A 251 -1.63 10.06 -15.28
CA PHE A 251 -1.93 8.67 -15.59
C PHE A 251 -3.04 8.56 -16.61
N LEU A 252 -4.09 9.38 -16.48
CA LEU A 252 -5.17 9.37 -17.46
C LEU A 252 -4.66 9.65 -18.86
N GLN A 253 -3.79 10.64 -19.00
CA GLN A 253 -3.25 10.97 -20.32
C GLN A 253 -2.34 9.86 -20.84
N LEU A 254 -1.58 9.22 -19.94
CA LEU A 254 -0.74 8.10 -20.35
C LEU A 254 -1.59 6.90 -20.78
N MET A 255 -2.74 6.71 -20.15
CA MET A 255 -3.62 5.60 -20.52
C MET A 255 -4.49 5.96 -21.72
N ILE A 256 -4.89 7.23 -21.85
CA ILE A 256 -5.57 7.67 -23.07
C ILE A 256 -4.69 7.42 -24.28
N ASP A 257 -3.39 7.69 -24.15
CA ASP A 257 -2.47 7.47 -25.26
C ASP A 257 -2.26 6.00 -25.56
N SER A 258 -2.35 5.14 -24.54
CA SER A 258 -2.12 3.71 -24.75
C SER A 258 -3.13 3.12 -25.73
N GLN A 259 -4.36 3.64 -25.75
CA GLN A 259 -5.37 3.21 -26.69
C GLN A 259 -5.05 3.59 -28.12
N ASN A 260 -3.91 4.23 -28.37
CA ASN A 260 -3.45 4.60 -29.71
C ASN A 260 -2.14 3.88 -29.99
N SER A 261 -2.23 2.57 -30.25
CA SER A 261 -1.05 1.77 -30.52
C SER A 261 -0.45 2.10 -31.89
N SER A 266 -0.34 -6.42 -30.27
CA SER A 266 -0.51 -7.76 -29.70
C SER A 266 -1.80 -7.86 -28.90
N HIS A 267 -1.76 -7.39 -27.66
CA HIS A 267 -2.94 -7.39 -26.80
C HIS A 267 -3.98 -6.41 -27.31
N LYS A 268 -5.21 -6.58 -26.84
CA LYS A 268 -6.25 -5.58 -27.07
C LYS A 268 -5.94 -4.32 -26.28
N ALA A 269 -6.25 -3.17 -26.87
CA ALA A 269 -6.05 -1.92 -26.17
C ALA A 269 -7.02 -1.81 -24.99
N LEU A 270 -6.69 -0.91 -24.07
CA LEU A 270 -7.54 -0.67 -22.92
C LEU A 270 -8.90 -0.14 -23.36
N SER A 271 -9.96 -0.79 -22.90
CA SER A 271 -11.30 -0.26 -23.12
C SER A 271 -11.53 0.95 -22.22
N ASP A 272 -12.55 1.73 -22.56
CA ASP A 272 -12.87 2.92 -21.77
C ASP A 272 -13.24 2.55 -20.34
N LEU A 273 -13.92 1.41 -20.16
CA LEU A 273 -14.27 0.98 -18.81
C LEU A 273 -13.06 0.46 -18.07
N GLU A 274 -12.21 -0.34 -18.72
CA GLU A 274 -10.97 -0.77 -18.11
C GLU A 274 -10.13 0.42 -17.66
N LEU A 275 -10.06 1.45 -18.50
CA LEU A 275 -9.28 2.63 -18.17
C LEU A 275 -9.78 3.29 -16.89
N VAL A 276 -11.10 3.34 -16.71
CA VAL A 276 -11.65 3.91 -15.48
C VAL A 276 -11.31 3.03 -14.28
N ALA A 277 -11.36 1.71 -14.47
CA ALA A 277 -11.06 0.79 -13.36
C ALA A 277 -9.63 1.00 -12.85
N GLN A 278 -8.67 1.15 -13.77
CA GLN A 278 -7.29 1.37 -13.34
C GLN A 278 -7.15 2.72 -12.63
N SER A 279 -7.77 3.77 -13.16
CA SER A 279 -7.67 5.08 -12.53
C SER A 279 -8.20 5.06 -11.11
N ILE A 280 -9.28 4.31 -10.88
CA ILE A 280 -9.83 4.19 -9.53
C ILE A 280 -8.88 3.42 -8.62
N ILE A 281 -8.31 2.31 -9.12
CA ILE A 281 -7.49 1.45 -8.27
C ILE A 281 -6.17 2.14 -7.93
N PHE A 282 -5.69 3.04 -8.79
CA PHE A 282 -4.49 3.80 -8.45
C PHE A 282 -4.73 4.73 -7.28
N ILE A 283 -5.95 5.25 -7.14
CA ILE A 283 -6.28 6.09 -6.01
C ILE A 283 -6.31 5.28 -4.73
N PHE A 284 -7.02 4.14 -4.76
CA PHE A 284 -7.02 3.25 -3.61
C PHE A 284 -5.61 2.85 -3.22
N ALA A 285 -4.74 2.66 -4.21
CA ALA A 285 -3.40 2.18 -3.92
C ALA A 285 -2.53 3.25 -3.29
N GLY A 286 -2.76 4.52 -3.62
CA GLY A 286 -1.85 5.57 -3.23
C GLY A 286 -2.33 6.54 -2.18
N TYR A 287 -3.63 6.64 -1.96
CA TYR A 287 -4.17 7.71 -1.12
C TYR A 287 -3.93 7.64 0.39
N GLU A 288 -4.51 6.64 1.06
CA GLU A 288 -4.25 6.47 2.48
C GLU A 288 -2.94 5.76 2.75
N THR A 289 -2.43 5.00 1.79
CA THR A 289 -1.14 4.34 1.97
C THR A 289 -0.02 5.36 2.14
N THR A 290 0.07 6.31 1.19
CA THR A 290 1.14 7.32 1.24
C THR A 290 1.08 8.14 2.53
N SER A 291 -0.12 8.62 2.89
CA SER A 291 -0.25 9.43 4.08
C SER A 291 0.00 8.62 5.36
N SER A 292 -0.38 7.34 5.36
CA SER A 292 -0.09 6.50 6.53
C SER A 292 1.41 6.35 6.74
N VAL A 293 2.13 6.00 5.68
CA VAL A 293 3.57 5.78 5.80
C VAL A 293 4.27 7.07 6.22
N LEU A 294 3.92 8.19 5.57
CA LEU A 294 4.55 9.46 5.91
C LEU A 294 4.32 9.80 7.38
N SER A 295 3.13 9.51 7.91
CA SER A 295 2.89 9.72 9.33
C SER A 295 3.77 8.81 10.18
N PHE A 296 3.89 7.53 9.81
CA PHE A 296 4.78 6.63 10.52
C PHE A 296 6.22 7.14 10.51
N ILE A 297 6.66 7.71 9.39
CA ILE A 297 8.02 8.20 9.28
C ILE A 297 8.24 9.38 10.22
N MET A 298 7.30 10.33 10.25
CA MET A 298 7.47 11.49 11.10
C MET A 298 7.40 11.13 12.58
N TYR A 299 6.67 10.06 12.92
CA TYR A 299 6.68 9.58 14.30
C TYR A 299 8.07 9.08 14.69
N GLU A 300 8.67 8.23 13.86
CA GLU A 300 9.99 7.72 14.16
C GLU A 300 11.03 8.82 14.16
N LEU A 301 10.87 9.84 13.31
CA LEU A 301 11.80 10.96 13.31
C LEU A 301 11.64 11.83 14.55
N ALA A 302 10.42 11.95 15.07
CA ALA A 302 10.20 12.75 16.28
C ALA A 302 10.64 12.02 17.54
N THR A 303 10.48 10.69 17.57
CA THR A 303 10.96 9.92 18.71
C THR A 303 12.46 9.68 18.68
N HIS A 304 13.13 10.05 17.59
CA HIS A 304 14.58 9.90 17.46
C HIS A 304 15.16 11.19 16.89
N PRO A 305 15.32 12.22 17.73
CA PRO A 305 15.83 13.51 17.23
C PRO A 305 17.20 13.40 16.57
N ASP A 306 18.01 12.42 16.97
CA ASP A 306 19.32 12.22 16.34
C ASP A 306 19.16 11.88 14.86
N VAL A 307 18.25 10.95 14.55
CA VAL A 307 18.03 10.56 13.16
C VAL A 307 17.49 11.72 12.35
N GLN A 308 16.62 12.54 12.95
CA GLN A 308 16.01 13.66 12.24
C GLN A 308 17.05 14.71 11.87
N GLN A 309 17.94 15.05 12.80
CA GLN A 309 18.96 16.04 12.50
C GLN A 309 19.88 15.56 11.39
N LYS A 310 20.32 14.30 11.46
CA LYS A 310 21.22 13.77 10.43
C LYS A 310 20.58 13.84 9.05
N LEU A 311 19.29 13.50 8.95
CA LEU A 311 18.60 13.60 7.67
C LEU A 311 18.50 15.06 7.22
N GLN A 312 18.22 15.97 8.15
CA GLN A 312 18.18 17.39 7.80
C GLN A 312 19.54 17.89 7.34
N GLU A 313 20.63 17.35 7.91
CA GLU A 313 21.96 17.74 7.47
C GLU A 313 22.27 17.15 6.09
N GLU A 314 21.83 15.91 5.84
CA GLU A 314 22.02 15.33 4.52
C GLU A 314 21.26 16.11 3.46
N ILE A 315 20.04 16.56 3.78
CA ILE A 315 19.25 17.31 2.82
C ILE A 315 19.90 18.65 2.51
N ASP A 316 20.43 19.32 3.53
CA ASP A 316 21.05 20.63 3.33
C ASP A 316 22.37 20.50 2.58
N ALA A 317 23.06 19.37 2.72
CA ALA A 317 24.30 19.17 1.97
C ALA A 317 24.00 18.95 0.49
N VAL A 318 22.96 18.18 0.18
CA VAL A 318 22.59 17.94 -1.21
C VAL A 318 21.92 19.16 -1.82
N LEU A 319 21.02 19.81 -1.07
CA LEU A 319 20.23 20.94 -1.56
C LEU A 319 20.49 22.14 -0.66
N PRO A 320 21.63 22.82 -0.83
CA PRO A 320 21.89 23.99 0.01
C PRO A 320 20.91 25.11 -0.30
N ASN A 321 20.64 25.92 0.72
CA ASN A 321 19.79 27.10 0.59
C ASN A 321 18.34 26.74 0.25
N LYS A 322 17.86 25.60 0.77
CA LYS A 322 16.50 25.12 0.53
C LYS A 322 16.22 24.97 -0.97
N ALA A 323 17.21 24.48 -1.71
CA ALA A 323 17.03 24.27 -3.14
C ALA A 323 15.93 23.25 -3.39
N PRO A 324 15.15 23.42 -4.45
CA PRO A 324 14.02 22.51 -4.70
C PRO A 324 14.51 21.12 -5.04
N PRO A 325 13.90 20.10 -4.44
CA PRO A 325 14.28 18.72 -4.78
C PRO A 325 13.94 18.42 -6.24
N THR A 326 14.79 17.63 -6.87
CA THR A 326 14.61 17.17 -8.23
C THR A 326 14.66 15.64 -8.25
N TYR A 327 14.47 15.06 -9.43
CA TYR A 327 14.51 13.61 -9.56
C TYR A 327 15.88 13.07 -9.14
N ASP A 328 16.95 13.60 -9.73
CA ASP A 328 18.28 13.04 -9.48
C ASP A 328 18.75 13.30 -8.06
N THR A 329 18.35 14.42 -7.46
CA THR A 329 18.81 14.73 -6.11
C THR A 329 18.09 13.91 -5.05
N VAL A 330 16.85 13.46 -5.33
CA VAL A 330 16.13 12.61 -4.39
C VAL A 330 16.80 11.25 -4.29
N LEU A 331 17.10 10.63 -5.43
CA LEU A 331 17.79 9.35 -5.45
C LEU A 331 19.22 9.45 -4.93
N GLN A 332 19.75 10.67 -4.80
CA GLN A 332 21.10 10.86 -4.30
C GLN A 332 21.19 10.68 -2.79
N MET A 333 20.10 10.93 -2.07
CA MET A 333 20.14 10.96 -0.60
C MET A 333 20.00 9.55 -0.05
N GLU A 334 21.07 9.06 0.58
CA GLU A 334 21.10 7.69 1.10
C GLU A 334 20.36 7.57 2.42
N TYR A 335 20.67 8.45 3.38
CA TYR A 335 20.03 8.36 4.69
C TYR A 335 18.52 8.53 4.58
N LEU A 336 18.06 9.35 3.61
CA LEU A 336 16.63 9.44 3.33
C LEU A 336 16.06 8.10 2.92
N ASP A 337 16.75 7.40 2.01
CA ASP A 337 16.30 6.08 1.60
C ASP A 337 16.35 5.10 2.78
N MET A 338 17.37 5.24 3.64
CA MET A 338 17.49 4.38 4.81
C MET A 338 16.35 4.63 5.80
N VAL A 339 15.99 5.89 6.01
CA VAL A 339 14.92 6.22 6.94
C VAL A 339 13.58 5.68 6.42
N VAL A 340 13.32 5.86 5.13
CA VAL A 340 12.06 5.38 4.55
C VAL A 340 11.97 3.86 4.67
N ASN A 341 13.07 3.16 4.40
CA ASN A 341 13.05 1.70 4.39
C ASN A 341 12.82 1.15 5.79
N GLU A 342 13.54 1.67 6.78
CA GLU A 342 13.40 1.16 8.14
C GLU A 342 12.00 1.41 8.69
N THR A 343 11.37 2.52 8.31
CA THR A 343 9.99 2.76 8.73
C THR A 343 9.05 1.77 8.07
N LEU A 344 9.30 1.42 6.81
CA LEU A 344 8.46 0.42 6.15
C LEU A 344 8.71 -0.98 6.71
N ARG A 345 9.91 -1.25 7.24
CA ARG A 345 10.13 -2.53 7.90
C ARG A 345 9.23 -2.66 9.11
N LEU A 346 9.19 -1.63 9.96
CA LEU A 346 8.37 -1.69 11.16
C LEU A 346 6.88 -1.61 10.84
N PHE A 347 6.51 -1.01 9.72
CA PHE A 347 5.10 -0.76 9.39
C PHE A 347 4.82 -1.09 7.93
N PRO A 348 4.89 -2.38 7.56
CA PRO A 348 4.55 -2.76 6.18
C PRO A 348 3.05 -2.82 6.00
N ILE A 349 2.45 -1.72 5.54
CA ILE A 349 1.01 -1.52 5.60
C ILE A 349 0.24 -2.62 4.86
N ALA A 350 0.89 -3.36 3.98
CA ALA A 350 0.26 -4.53 3.36
C ALA A 350 -0.11 -5.57 4.41
N MET A 351 0.75 -5.74 5.43
CA MET A 351 0.68 -6.79 6.43
C MET A 351 0.95 -8.15 5.83
N ARG A 352 0.31 -8.47 4.70
CA ARG A 352 0.41 -9.79 4.09
C ARG A 352 0.50 -9.67 2.57
N LEU A 353 1.18 -10.64 1.98
CA LEU A 353 1.08 -10.93 0.55
C LEU A 353 0.37 -12.26 0.38
N GLU A 354 -0.45 -12.40 -0.66
CA GLU A 354 -1.24 -13.60 -0.83
C GLU A 354 -1.29 -14.01 -2.29
N ARG A 355 -1.32 -15.33 -2.51
CA ARG A 355 -1.51 -15.93 -3.82
C ARG A 355 -2.42 -17.13 -3.67
N VAL A 356 -3.38 -17.27 -4.59
CA VAL A 356 -4.22 -18.46 -4.62
C VAL A 356 -3.48 -19.56 -5.37
N CYS A 357 -3.47 -20.76 -4.81
CA CYS A 357 -2.88 -21.93 -5.45
C CYS A 357 -3.87 -22.49 -6.46
N LYS A 358 -3.60 -22.29 -7.75
CA LYS A 358 -4.55 -22.68 -8.79
C LYS A 358 -4.40 -24.13 -9.24
N LYS A 359 -3.28 -24.78 -8.91
CA LYS A 359 -3.05 -26.15 -9.32
C LYS A 359 -2.48 -26.94 -8.16
N ASP A 360 -2.82 -28.23 -8.10
CA ASP A 360 -2.13 -29.17 -7.21
C ASP A 360 -0.65 -29.17 -7.54
N VAL A 361 0.17 -28.60 -6.65
CA VAL A 361 1.57 -28.40 -6.92
C VAL A 361 2.40 -28.96 -5.78
N GLU A 362 3.70 -29.13 -6.03
CA GLU A 362 4.66 -29.58 -5.04
C GLU A 362 5.90 -28.71 -5.20
N ILE A 363 6.15 -27.83 -4.24
CA ILE A 363 7.24 -26.87 -4.31
C ILE A 363 8.11 -27.01 -3.06
N ASN A 364 9.42 -27.03 -3.26
CA ASN A 364 10.40 -27.10 -2.17
C ASN A 364 10.09 -28.25 -1.21
N GLY A 365 9.60 -29.35 -1.77
CA GLY A 365 9.30 -30.54 -0.98
C GLY A 365 7.96 -30.55 -0.29
N MET A 366 7.21 -29.45 -0.30
CA MET A 366 5.93 -29.36 0.37
C MET A 366 4.80 -29.39 -0.65
N PHE A 367 3.84 -30.29 -0.44
CA PHE A 367 2.68 -30.41 -1.30
C PHE A 367 1.63 -29.36 -0.92
N ILE A 368 1.12 -28.65 -1.92
CA ILE A 368 0.09 -27.64 -1.72
C ILE A 368 -1.06 -27.94 -2.67
N PRO A 369 -2.27 -28.18 -2.18
CA PRO A 369 -3.38 -28.57 -3.05
C PRO A 369 -4.11 -27.37 -3.65
N LYS A 370 -4.93 -27.66 -4.65
CA LYS A 370 -5.67 -26.63 -5.36
C LYS A 370 -6.65 -25.94 -4.43
N GLY A 371 -6.72 -24.61 -4.53
CA GLY A 371 -7.69 -23.82 -3.79
C GLY A 371 -7.15 -23.17 -2.54
N VAL A 372 -5.97 -23.57 -2.06
CA VAL A 372 -5.41 -22.98 -0.85
C VAL A 372 -4.88 -21.59 -1.15
N VAL A 373 -5.05 -20.67 -0.21
CA VAL A 373 -4.47 -19.33 -0.29
C VAL A 373 -3.11 -19.38 0.40
N VAL A 374 -2.04 -19.22 -0.38
CA VAL A 374 -0.70 -19.14 0.18
C VAL A 374 -0.44 -17.72 0.65
N MET A 375 -0.05 -17.56 1.90
CA MET A 375 0.12 -16.26 2.53
CA MET A 375 0.12 -16.26 2.54
C MET A 375 1.55 -16.08 3.01
N ILE A 376 2.10 -14.90 2.78
CA ILE A 376 3.43 -14.50 3.23
C ILE A 376 3.23 -13.41 4.29
N PRO A 377 3.55 -13.67 5.56
CA PRO A 377 3.26 -12.69 6.61
C PRO A 377 4.35 -11.64 6.72
N SER A 378 4.18 -10.53 5.98
CA SER A 378 5.24 -9.52 5.91
C SER A 378 5.53 -8.90 7.26
N TYR A 379 4.48 -8.53 8.02
CA TYR A 379 4.70 -7.90 9.31
C TYR A 379 5.51 -8.79 10.23
N ALA A 380 5.27 -10.10 10.19
CA ALA A 380 5.98 -11.01 11.08
C ALA A 380 7.43 -11.19 10.63
N LEU A 381 7.65 -11.39 9.34
CA LEU A 381 9.01 -11.58 8.85
C LEU A 381 9.85 -10.33 9.02
N HIS A 382 9.24 -9.15 8.97
CA HIS A 382 9.98 -7.90 9.20
C HIS A 382 10.43 -7.74 10.65
N ARG A 383 9.91 -8.56 11.57
CA ARG A 383 10.26 -8.48 12.98
C ARG A 383 10.81 -9.81 13.51
N ASP A 384 11.19 -10.71 12.62
CA ASP A 384 11.70 -12.01 13.00
C ASP A 384 13.11 -11.89 13.56
N PRO A 385 13.38 -12.34 14.79
CA PRO A 385 14.74 -12.28 15.32
C PRO A 385 15.76 -13.06 14.49
N LYS A 386 15.31 -14.03 13.68
CA LYS A 386 16.25 -14.82 12.88
C LYS A 386 16.98 -13.99 11.83
N TYR A 387 16.41 -12.86 11.42
CA TYR A 387 17.01 -12.02 10.39
C TYR A 387 17.28 -10.59 10.84
N TRP A 388 16.72 -10.14 11.96
CA TRP A 388 16.84 -8.75 12.39
C TRP A 388 17.25 -8.71 13.85
N THR A 389 18.44 -8.18 14.12
CA THR A 389 18.87 -7.95 15.49
C THR A 389 18.16 -6.70 16.03
N GLU A 390 17.60 -6.83 17.25
CA GLU A 390 16.78 -5.79 17.86
C GLU A 390 15.69 -5.33 16.90
N PRO A 391 14.74 -6.20 16.55
CA PRO A 391 13.77 -5.84 15.50
C PRO A 391 12.76 -4.78 15.92
N GLU A 392 12.51 -4.63 17.23
CA GLU A 392 11.52 -3.67 17.67
C GLU A 392 12.03 -2.24 17.70
N LYS A 393 13.31 -2.01 17.43
CA LYS A 393 13.92 -0.69 17.52
C LYS A 393 14.09 -0.08 16.13
N PHE A 394 13.92 1.24 16.06
CA PHE A 394 14.05 2.00 14.82
C PHE A 394 15.52 2.35 14.61
N LEU A 395 16.16 1.66 13.68
CA LEU A 395 17.60 1.78 13.45
C LEU A 395 17.86 1.81 11.95
N PRO A 396 17.85 3.01 11.34
CA PRO A 396 18.03 3.09 9.88
C PRO A 396 19.35 2.54 9.38
N GLU A 397 20.34 2.35 10.25
CA GLU A 397 21.64 1.83 9.81
C GLU A 397 21.55 0.44 9.20
N ARG A 398 20.44 -0.28 9.44
CA ARG A 398 20.25 -1.57 8.80
C ARG A 398 20.36 -1.45 7.28
N PHE A 399 19.78 -0.40 6.72
CA PHE A 399 19.70 -0.23 5.28
C PHE A 399 20.82 0.62 4.72
N SER A 400 21.91 0.78 5.47
CA SER A 400 23.09 1.42 4.91
C SER A 400 23.75 0.49 3.89
N LYS A 401 24.61 1.08 3.06
CA LYS A 401 25.26 0.31 2.00
C LYS A 401 26.13 -0.81 2.56
N LYS A 402 26.67 -0.62 3.77
CA LYS A 402 27.52 -1.65 4.36
C LYS A 402 26.70 -2.88 4.74
N ASN A 403 25.49 -2.68 5.25
CA ASN A 403 24.70 -3.76 5.86
C ASN A 403 23.58 -4.27 4.97
N LYS A 404 23.33 -3.66 3.82
CA LYS A 404 22.22 -4.08 2.98
C LYS A 404 22.49 -5.37 2.21
N ASP A 405 23.64 -6.01 2.42
CA ASP A 405 23.92 -7.30 1.81
C ASP A 405 23.27 -8.44 2.58
N ASN A 406 23.02 -8.27 3.88
CA ASN A 406 22.43 -9.29 4.71
C ASN A 406 20.90 -9.28 4.67
N ILE A 407 20.29 -8.30 4.02
CA ILE A 407 18.84 -8.17 3.98
C ILE A 407 18.30 -9.04 2.86
N ASP A 408 17.47 -10.02 3.22
CA ASP A 408 16.92 -10.96 2.25
C ASP A 408 15.72 -10.32 1.56
N PRO A 409 15.70 -10.27 0.22
CA PRO A 409 14.60 -9.59 -0.48
C PRO A 409 13.27 -10.30 -0.39
N TYR A 410 13.22 -11.50 0.20
CA TYR A 410 11.97 -12.19 0.41
C TYR A 410 11.53 -12.19 1.87
N ILE A 411 12.40 -11.75 2.78
CA ILE A 411 11.96 -11.42 4.13
C ILE A 411 11.41 -9.99 4.17
N TYR A 412 12.09 -9.06 3.51
CA TYR A 412 11.70 -7.65 3.46
C TYR A 412 10.94 -7.41 2.17
N THR A 413 9.61 -7.44 2.24
CA THR A 413 8.75 -7.26 1.07
C THR A 413 7.64 -6.25 1.37
N PRO A 414 7.98 -4.99 1.63
CA PRO A 414 6.92 -3.99 1.83
C PRO A 414 6.18 -3.64 0.55
N PHE A 415 6.76 -3.93 -0.61
CA PHE A 415 6.11 -3.75 -1.90
C PHE A 415 5.90 -5.07 -2.63
N GLY A 416 5.95 -6.19 -1.90
CA GLY A 416 5.82 -7.47 -2.56
C GLY A 416 7.07 -7.80 -3.37
N SER A 417 6.92 -8.79 -4.26
CA SER A 417 8.03 -9.22 -5.09
C SER A 417 7.47 -10.01 -6.27
N GLY A 418 8.29 -10.10 -7.32
CA GLY A 418 7.94 -10.90 -8.47
C GLY A 418 7.14 -10.15 -9.51
N PRO A 419 6.58 -10.87 -10.48
CA PRO A 419 5.83 -10.23 -11.56
C PRO A 419 4.61 -9.45 -11.08
N ARG A 420 4.04 -9.78 -9.92
CA ARG A 420 2.83 -9.12 -9.44
C ARG A 420 3.13 -8.27 -8.20
N ASN A 421 4.32 -7.66 -8.15
CA ASN A 421 4.69 -6.78 -7.05
C ASN A 421 4.02 -5.43 -7.25
N CYS A 422 4.35 -4.46 -6.39
CA CYS A 422 3.80 -3.13 -6.53
C CYS A 422 4.32 -2.48 -7.81
N ILE A 423 3.41 -2.10 -8.70
CA ILE A 423 3.82 -1.45 -9.94
C ILE A 423 4.05 0.03 -9.76
N GLY A 424 3.53 0.62 -8.68
CA GLY A 424 3.77 2.04 -8.41
C GLY A 424 4.77 2.26 -7.31
N MET A 425 5.71 1.32 -7.15
CA MET A 425 6.68 1.40 -6.08
C MET A 425 7.56 2.64 -6.21
N ARG A 426 8.20 2.81 -7.37
CA ARG A 426 9.09 3.95 -7.56
C ARG A 426 8.34 5.27 -7.43
N PHE A 427 7.12 5.32 -7.97
CA PHE A 427 6.30 6.52 -7.82
C PHE A 427 6.02 6.81 -6.35
N ALA A 428 5.59 5.79 -5.60
CA ALA A 428 5.27 5.99 -4.18
C ALA A 428 6.50 6.43 -3.39
N LEU A 429 7.65 5.81 -3.66
CA LEU A 429 8.87 6.19 -2.96
C LEU A 429 9.29 7.61 -3.31
N MET A 430 9.23 7.98 -4.60
CA MET A 430 9.58 9.32 -5.01
C MET A 430 8.60 10.34 -4.43
N ASN A 431 7.31 9.99 -4.41
CA ASN A 431 6.29 10.88 -3.87
C ASN A 431 6.53 11.16 -2.39
N MET A 432 6.78 10.11 -1.61
CA MET A 432 7.00 10.27 -0.18
C MET A 432 8.28 11.03 0.12
N LYS A 433 9.36 10.70 -0.58
CA LYS A 433 10.63 11.38 -0.33
C LYS A 433 10.55 12.86 -0.70
N LEU A 434 9.90 13.18 -1.82
CA LEU A 434 9.74 14.58 -2.20
C LEU A 434 9.03 15.37 -1.12
N ALA A 435 7.97 14.80 -0.54
CA ALA A 435 7.30 15.44 0.59
C ALA A 435 8.24 15.57 1.78
N LEU A 436 8.95 14.48 2.11
CA LEU A 436 9.82 14.48 3.29
C LEU A 436 10.91 15.54 3.18
N ILE A 437 11.47 15.73 1.99
CA ILE A 437 12.55 16.69 1.82
C ILE A 437 12.04 18.11 2.04
N ARG A 438 10.97 18.49 1.33
CA ARG A 438 10.44 19.85 1.47
C ARG A 438 9.98 20.14 2.90
N VAL A 439 9.47 19.12 3.60
CA VAL A 439 9.02 19.33 4.97
C VAL A 439 10.20 19.52 5.91
N LEU A 440 11.22 18.69 5.78
CA LEU A 440 12.37 18.76 6.67
C LEU A 440 13.28 19.94 6.36
N GLN A 441 13.26 20.45 5.12
CA GLN A 441 13.97 21.68 4.82
C GLN A 441 13.45 22.86 5.62
N ASN A 442 12.20 22.80 6.08
CA ASN A 442 11.54 23.93 6.72
C ASN A 442 11.21 23.73 8.18
N PHE A 443 10.96 22.50 8.63
CA PHE A 443 10.41 22.27 9.95
C PHE A 443 11.19 21.19 10.70
N SER A 444 10.95 21.15 12.01
CA SER A 444 11.39 20.06 12.87
C SER A 444 10.21 19.59 13.69
N PHE A 445 10.20 18.30 14.01
CA PHE A 445 9.03 17.65 14.59
C PHE A 445 9.41 17.05 15.94
N LYS A 446 8.73 17.51 16.99
CA LYS A 446 8.98 17.10 18.36
C LYS A 446 7.71 16.56 18.99
N PRO A 447 7.82 15.61 19.92
CA PRO A 447 6.61 15.05 20.53
C PRO A 447 5.86 16.07 21.36
N CYS A 448 4.55 15.84 21.48
CA CYS A 448 3.70 16.58 22.41
C CYS A 448 3.57 15.81 23.73
N LYS A 449 2.95 16.47 24.70
CA LYS A 449 2.48 15.74 25.88
C LYS A 449 1.42 14.72 25.48
N GLU A 450 0.57 15.07 24.51
CA GLU A 450 -0.50 14.21 24.04
C GLU A 450 -0.07 13.29 22.89
N THR A 451 1.23 13.12 22.69
CA THR A 451 1.75 12.16 21.72
C THR A 451 1.87 10.80 22.37
N GLN A 452 1.40 9.77 21.66
CA GLN A 452 1.43 8.41 22.19
C GLN A 452 2.81 7.82 21.97
N ILE A 453 3.58 7.68 23.04
CA ILE A 453 4.90 7.07 22.99
C ILE A 453 4.94 5.97 24.06
N PRO A 454 5.13 4.70 23.69
CA PRO A 454 5.33 4.19 22.32
C PRO A 454 4.03 4.11 21.54
N LEU A 455 4.11 4.15 20.21
CA LEU A 455 2.92 4.08 19.38
C LEU A 455 2.31 2.69 19.43
N LYS A 456 0.98 2.63 19.48
CA LYS A 456 0.25 1.37 19.51
C LYS A 456 -0.57 1.21 18.24
N LEU A 457 -0.64 -0.02 17.75
CA LEU A 457 -1.29 -0.32 16.48
C LEU A 457 -2.78 -0.57 16.68
N SER A 458 -3.55 -0.28 15.64
CA SER A 458 -4.98 -0.55 15.65
C SER A 458 -5.24 -2.05 15.75
N LEU A 459 -6.32 -2.40 16.45
CA LEU A 459 -6.78 -3.78 16.51
C LEU A 459 -7.62 -4.16 15.30
N GLY A 460 -7.84 -3.24 14.36
CA GLY A 460 -8.60 -3.51 13.17
C GLY A 460 -7.78 -4.22 12.12
N GLY A 461 -8.37 -4.31 10.92
CA GLY A 461 -7.75 -4.98 9.80
C GLY A 461 -6.81 -4.13 8.97
N LEU A 462 -6.47 -2.94 9.42
CA LEU A 462 -5.56 -2.05 8.72
C LEU A 462 -4.40 -1.68 9.64
N LEU A 463 -3.19 -1.68 9.09
CA LEU A 463 -1.99 -1.35 9.86
C LEU A 463 -1.92 0.17 9.97
N GLN A 464 -2.47 0.69 11.07
CA GLN A 464 -2.53 2.13 11.32
C GLN A 464 -2.44 2.35 12.81
N PRO A 465 -2.04 3.55 13.25
CA PRO A 465 -1.95 3.81 14.69
C PRO A 465 -3.30 3.71 15.37
N GLU A 466 -3.28 3.26 16.63
CA GLU A 466 -4.50 3.16 17.41
C GLU A 466 -5.14 4.54 17.59
N LYS A 467 -4.34 5.52 18.01
CA LYS A 467 -4.69 6.92 18.13
C LYS A 467 -3.91 7.72 17.09
N PRO A 468 -4.46 8.82 16.59
CA PRO A 468 -3.72 9.61 15.59
C PRO A 468 -2.40 10.12 16.14
N VAL A 469 -1.40 10.16 15.26
CA VAL A 469 -0.08 10.68 15.61
C VAL A 469 -0.17 12.21 15.58
N VAL A 470 -0.03 12.83 16.74
CA VAL A 470 -0.01 14.28 16.86
C VAL A 470 1.39 14.70 17.28
N LEU A 471 1.94 15.71 16.60
CA LEU A 471 3.28 16.19 16.85
C LEU A 471 3.29 17.70 16.80
N LYS A 472 4.24 18.30 17.53
CA LYS A 472 4.48 19.73 17.46
C LYS A 472 5.43 20.04 16.32
N VAL A 473 5.15 21.10 15.59
CA VAL A 473 5.91 21.49 14.40
C VAL A 473 6.45 22.89 14.61
N GLU A 474 7.76 22.99 14.83
CA GLU A 474 8.45 24.27 14.97
C GLU A 474 9.24 24.56 13.71
N SER A 475 9.25 25.82 13.29
CA SER A 475 9.96 26.20 12.08
C SER A 475 11.46 26.29 12.33
N ARG A 476 12.24 25.94 11.31
CA ARG A 476 13.69 26.02 11.36
C ARG A 476 14.22 27.42 11.05
N ASP A 477 13.39 28.45 11.19
CA ASP A 477 13.81 29.81 10.92
C ASP A 477 14.80 30.31 11.98
CHA HEM B . 0.34 -3.83 -5.27
CHB HEM B . 2.50 -1.73 -1.45
CHC HEM B . 1.47 2.63 -3.33
CHD HEM B . -0.15 0.52 -7.39
C1A HEM B . 1.00 -3.65 -4.07
C2A HEM B . 1.42 -4.71 -3.17
C3A HEM B . 2.01 -4.12 -2.11
C4A HEM B . 2.00 -2.68 -2.31
CMA HEM B . 2.61 -4.87 -0.90
CAA HEM B . 1.20 -6.23 -3.39
CBA HEM B . 2.49 -6.85 -3.92
CGA HEM B . 2.37 -8.35 -4.01
O1A HEM B . 3.42 -9.02 -4.22
O2A HEM B . 1.25 -8.90 -3.88
C1B HEM B . 2.39 -0.35 -1.60
C2B HEM B . 2.84 0.67 -0.66
C3B HEM B . 2.54 1.88 -1.19
C4B HEM B . 1.92 1.65 -2.47
CMB HEM B . 3.51 0.34 0.69
CAB HEM B . 2.79 3.31 -0.65
CBB HEM B . 3.48 3.60 0.46
C1C HEM B . 1.02 2.45 -4.60
C2C HEM B . 0.81 3.50 -5.58
C3C HEM B . 0.36 2.94 -6.71
C4C HEM B . 0.28 1.50 -6.50
CMC HEM B . 1.05 5.01 -5.36
CAC HEM B . 0.03 3.78 -7.97
CBC HEM B . -0.45 3.23 -9.08
C1D HEM B . -0.24 -0.83 -7.15
C2D HEM B . -0.88 -1.84 -7.99
C3D HEM B . -0.74 -3.03 -7.40
C4D HEM B . 0.00 -2.84 -6.16
CMD HEM B . -1.61 -1.59 -9.33
CAD HEM B . -1.27 -4.37 -7.94
CBD HEM B . -0.27 -4.93 -8.95
CGD HEM B . -0.81 -6.17 -9.63
O1D HEM B . -0.26 -6.56 -10.69
O2D HEM B . -1.79 -6.76 -9.11
NA HEM B . 1.37 -2.44 -3.52
NB HEM B . 1.84 0.28 -2.69
NC HEM B . 0.69 1.24 -5.21
ND HEM B . 0.29 -1.49 -6.04
FE HEM B . 1.21 -0.60 -4.46
N1 CFF C . -1.44 -3.86 -1.29
C2 CFF C . -1.27 -2.44 -1.33
C10 CFF C . -0.99 -4.58 -0.13
C6 CFF C . -2.03 -4.62 -2.31
N3 CFF C . -1.71 -1.73 -2.45
O11 CFF C . -0.75 -1.82 -0.41
C12 CFF C . -1.51 -0.30 -2.46
C4 CFF C . -2.30 -2.43 -3.50
C5 CFF C . -2.46 -3.83 -3.42
N9 CFF C . -2.81 -1.93 -4.71
O13 CFF C . -2.14 -5.83 -2.20
N7 CFF C . -3.08 -4.22 -4.61
C8 CFF C . -3.28 -3.06 -5.35
C14 CFF C . -3.44 -5.58 -4.99
N1 CFF D . -4.22 -1.85 0.68
C2 CFF D . -4.02 -3.18 1.19
C10 CFF D . -3.85 -0.73 1.55
C6 CFF D . -4.73 -1.58 -0.61
N3 CFF D . -4.36 -4.30 0.40
O11 CFF D . -3.57 -3.36 2.33
C12 CFF D . -4.15 -5.65 0.95
C4 CFF D . -4.87 -4.09 -0.88
C5 CFF D . -5.05 -2.77 -1.37
N9 CFF D . -5.26 -5.04 -1.83
O13 CFF D . -4.87 -0.43 -1.00
N7 CFF D . -5.56 -2.91 -2.67
C8 CFF D . -5.67 -4.28 -2.89
C14 CFF D . -5.92 -1.84 -3.60
N1 CFF E . -7.63 -3.35 1.23
C2 CFF E . -8.01 -2.18 0.54
C10 CFF E . -7.11 -3.21 2.60
C6 CFF E . -7.72 -4.66 0.67
N3 CFF E . -8.51 -2.26 -0.76
O11 CFF E . -7.92 -1.09 1.06
C12 CFF E . -8.89 -1.05 -1.46
C4 CFF E . -8.61 -3.48 -1.35
C5 CFF E . -8.24 -4.66 -0.67
N9 CFF E . -9.07 -3.75 -2.63
O13 CFF E . -7.36 -5.62 1.32
N7 CFF E . -8.48 -5.68 -1.58
C8 CFF E . -8.97 -5.09 -2.73
C14 CFF E . -8.25 -7.08 -1.35
N1 CFF F . -9.27 -11.66 4.36
C2 CFF F . -10.45 -12.16 3.73
C10 CFF F . -9.06 -11.94 5.80
C6 CFF F . -8.28 -10.90 3.66
N3 CFF F . -10.69 -11.92 2.35
O11 CFF F . -11.29 -12.82 4.37
C12 CFF F . -11.92 -12.45 1.74
C4 CFF F . -9.75 -11.17 1.64
C5 CFF F . -8.58 -10.69 2.28
N9 CFF F . -9.77 -10.81 0.29
O13 CFF F . -7.29 -10.50 4.26
N7 CFF F . -7.86 -9.99 1.28
C8 CFF F . -8.62 -10.10 0.11
C14 CFF F . -6.59 -9.30 1.42
N1 CFF G . -21.09 -2.10 4.99
C2 CFF G . -22.34 -2.30 4.32
C10 CFF G . -21.13 -1.88 6.43
C6 CFF G . -19.84 -2.11 4.34
N3 CFF G . -22.36 -2.52 2.93
O11 CFF G . -23.40 -2.28 4.93
C12 CFF G . -23.63 -2.71 2.26
C4 CFF G . -21.17 -2.54 2.25
C5 CFF G . -19.94 -2.34 2.92
N9 CFF G . -20.96 -2.74 0.88
O13 CFF G . -18.81 -1.93 4.97
N7 CFF G . -18.95 -2.42 1.93
C8 CFF G . -19.60 -2.65 0.74
C14 CFF G . -17.50 -2.28 2.13
N1 CFF H . -20.42 1.53 4.37
C2 CFF H . -21.82 1.44 4.63
C10 CFF H . -19.53 1.87 5.51
C6 CFF H . -19.84 1.32 3.08
N3 CFF H . -22.71 1.14 3.56
O11 CFF H . -22.28 1.64 5.75
C12 CFF H . -24.14 1.04 3.83
C4 CFF H . -22.20 0.92 2.30
C5 CFF H . -20.81 1.00 2.06
N9 CFF H . -22.89 0.59 1.12
O13 CFF H . -18.63 1.40 2.92
N7 CFF H . -20.64 0.73 0.68
C8 CFF H . -21.91 0.49 0.18
C14 CFF H . -19.39 0.70 -0.07
#